data_1GNB
#
_entry.id   1GNB
#
_cell.length_a   1.000
_cell.length_b   1.000
_cell.length_c   1.000
_cell.angle_alpha   90.00
_cell.angle_beta   90.00
_cell.angle_gamma   90.00
#
_symmetry.space_group_name_H-M   'P 1'
#
_entity_poly.entity_id   1
_entity_poly.type   'polypeptide(L)'
_entity_poly.pdbx_seq_one_letter_code
;TCEICAYAACTGC
;
_entity_poly.pdbx_strand_id   A
#
# COMPACT_ATOMS: atom_id res chain seq x y z
N THR A 1 2.19 7.16 0.28
CA THR A 1 3.23 6.15 0.17
C THR A 1 2.73 4.93 -0.60
N CYS A 2 1.40 4.79 -0.74
CA CYS A 2 0.74 3.78 -1.54
C CYS A 2 -0.57 4.36 -2.05
N GLU A 3 -1.24 3.68 -2.97
CA GLU A 3 -2.65 3.93 -3.27
C GLU A 3 -3.48 3.58 -2.03
N ILE A 4 -4.80 3.75 -2.12
CA ILE A 4 -5.72 3.38 -1.04
C ILE A 4 -5.78 1.85 -0.96
N CYS A 5 -4.76 1.24 -0.35
CA CYS A 5 -4.64 -0.19 -0.12
C CYS A 5 -4.02 -0.40 1.26
N ALA A 6 -4.29 -1.54 1.89
CA ALA A 6 -4.00 -1.78 3.31
C ALA A 6 -2.58 -1.41 3.72
N TYR A 7 -1.59 -1.87 2.97
CA TYR A 7 -0.19 -1.66 3.30
C TYR A 7 0.18 -0.21 2.96
N ALA A 8 0.33 0.63 3.99
CA ALA A 8 0.83 1.99 3.82
C ALA A 8 2.15 2.01 3.03
N ALA A 9 3.02 1.03 3.28
CA ALA A 9 4.30 0.88 2.60
C ALA A 9 4.19 0.21 1.23
N CYS A 10 2.97 -0.14 0.78
CA CYS A 10 2.68 -0.66 -0.54
C CYS A 10 3.40 -1.99 -0.83
N THR A 11 3.53 -2.82 0.21
CA THR A 11 4.30 -4.06 0.22
C THR A 11 3.65 -5.15 -0.63
N GLY A 12 3.53 -4.94 -1.95
CA GLY A 12 2.81 -5.83 -2.84
C GLY A 12 1.35 -5.91 -2.43
N CYS A 13 0.68 -4.75 -2.36
CA CYS A 13 -0.69 -4.67 -1.87
C CYS A 13 -1.70 -4.90 -2.99
N THR A 1 4.70 5.17 0.87
CA THR A 1 3.30 5.51 0.59
C THR A 1 2.82 4.57 -0.51
N CYS A 2 1.59 4.74 -0.98
CA CYS A 2 0.90 3.85 -1.89
C CYS A 2 -0.45 4.48 -2.22
N GLU A 3 -1.26 3.84 -3.09
CA GLU A 3 -2.68 4.11 -3.17
C GLU A 3 -3.38 3.67 -1.87
N ILE A 4 -4.71 3.63 -1.87
CA ILE A 4 -5.50 3.20 -0.71
C ILE A 4 -5.38 1.68 -0.56
N CYS A 5 -4.22 1.23 -0.08
CA CYS A 5 -3.87 -0.16 0.18
C CYS A 5 -3.79 -0.39 1.68
N ALA A 6 -4.09 -1.61 2.12
CA ALA A 6 -3.88 -2.03 3.50
C ALA A 6 -2.40 -1.85 3.85
N TYR A 7 -1.52 -2.36 3.00
CA TYR A 7 -0.11 -2.03 3.06
C TYR A 7 0.05 -0.57 2.65
N ALA A 8 0.04 0.34 3.62
CA ALA A 8 0.27 1.77 3.41
C ALA A 8 1.55 2.02 2.61
N ALA A 9 2.59 1.21 2.83
CA ALA A 9 3.87 1.30 2.12
C ALA A 9 3.90 0.40 0.87
N CYS A 10 2.74 -0.04 0.37
CA CYS A 10 2.57 -0.73 -0.91
C CYS A 10 3.12 -2.17 -0.92
N THR A 11 3.59 -2.66 0.24
CA THR A 11 4.28 -3.92 0.46
C THR A 11 3.42 -5.15 0.10
N GLY A 12 3.19 -5.36 -1.20
CA GLY A 12 2.35 -6.43 -1.72
C GLY A 12 0.91 -5.96 -1.92
N CYS A 13 0.71 -4.69 -2.26
CA CYS A 13 -0.59 -4.18 -2.73
C CYS A 13 -0.37 -2.99 -3.66
N THR A 1 2.01 7.07 2.04
CA THR A 1 1.19 7.73 1.03
C THR A 1 1.02 6.83 -0.20
N CYS A 2 0.43 5.64 -0.01
CA CYS A 2 0.21 4.66 -1.05
C CYS A 2 -1.03 4.99 -1.88
N GLU A 3 -1.22 4.30 -3.01
CA GLU A 3 -2.54 4.12 -3.60
C GLU A 3 -3.47 3.50 -2.55
N ILE A 4 -4.79 3.62 -2.71
CA ILE A 4 -5.76 3.19 -1.72
C ILE A 4 -5.82 1.65 -1.63
N CYS A 5 -4.82 1.06 -0.98
CA CYS A 5 -4.79 -0.34 -0.56
C CYS A 5 -4.04 -0.38 0.77
N ALA A 6 -4.49 -1.22 1.72
CA ALA A 6 -4.18 -1.06 3.13
C ALA A 6 -2.80 -1.61 3.54
N TYR A 7 -1.73 -1.26 2.80
CA TYR A 7 -0.35 -1.51 3.20
C TYR A 7 0.39 -0.18 3.21
N ALA A 8 0.73 0.34 4.39
CA ALA A 8 1.57 1.54 4.50
C ALA A 8 2.88 1.37 3.72
N ALA A 9 3.45 0.16 3.76
CA ALA A 9 4.66 -0.20 3.02
C ALA A 9 4.47 -0.19 1.50
N CYS A 10 3.21 -0.14 1.02
CA CYS A 10 2.87 0.01 -0.39
C CYS A 10 3.58 -0.99 -1.30
N THR A 11 3.71 -2.23 -0.82
CA THR A 11 4.44 -3.29 -1.48
C THR A 11 3.64 -4.58 -1.27
N GLY A 12 3.31 -5.29 -2.35
CA GLY A 12 2.58 -6.54 -2.30
C GLY A 12 1.29 -6.43 -1.48
N CYS A 13 0.44 -5.45 -1.83
CA CYS A 13 -0.72 -5.13 -1.02
C CYS A 13 -1.92 -5.99 -1.39
N THR A 1 3.46 6.65 -5.14
CA THR A 1 2.14 6.25 -5.61
C THR A 1 1.68 5.00 -4.84
N CYS A 2 1.49 5.17 -3.53
CA CYS A 2 1.10 4.07 -2.64
C CYS A 2 -0.30 3.59 -2.99
N GLU A 3 -0.51 2.28 -2.95
CA GLU A 3 -1.83 1.70 -3.15
C GLU A 3 -2.79 2.27 -2.11
N ILE A 4 -3.98 2.70 -2.53
CA ILE A 4 -5.03 3.14 -1.63
C ILE A 4 -5.60 1.88 -0.97
N CYS A 5 -4.87 1.34 0.00
CA CYS A 5 -5.03 0.00 0.53
C CYS A 5 -4.37 -0.08 1.90
N ALA A 6 -4.76 -1.06 2.72
CA ALA A 6 -4.28 -1.22 4.09
C ALA A 6 -2.75 -1.37 4.19
N TYR A 7 -2.08 -1.75 3.10
CA TYR A 7 -0.63 -1.91 3.09
C TYR A 7 0.05 -0.55 3.23
N ALA A 8 0.20 -0.09 4.48
CA ALA A 8 1.06 1.02 4.86
C ALA A 8 2.48 0.87 4.30
N ALA A 9 2.90 -0.39 4.07
CA ALA A 9 4.15 -0.73 3.40
C ALA A 9 4.31 -0.08 2.02
N CYS A 10 3.22 0.41 1.40
CA CYS A 10 3.28 1.13 0.13
C CYS A 10 3.86 0.26 -0.98
N THR A 11 3.53 -1.03 -0.93
CA THR A 11 3.96 -2.09 -1.83
C THR A 11 3.15 -3.32 -1.45
N GLY A 12 2.94 -4.25 -2.39
CA GLY A 12 2.46 -5.60 -2.08
C GLY A 12 0.93 -5.75 -2.08
N CYS A 13 0.17 -4.67 -2.22
CA CYS A 13 -1.29 -4.77 -2.32
C CYS A 13 -1.72 -4.93 -3.78
N THR A 1 3.22 5.43 2.02
CA THR A 1 2.40 5.96 0.93
C THR A 1 2.15 4.79 -0.03
N CYS A 2 0.97 4.76 -0.66
CA CYS A 2 0.55 3.65 -1.51
C CYS A 2 -0.72 4.09 -2.26
N GLU A 3 -1.18 3.27 -3.21
CA GLU A 3 -2.55 3.31 -3.69
C GLU A 3 -3.50 2.94 -2.54
N ILE A 4 -4.80 2.83 -2.82
CA ILE A 4 -5.80 2.53 -1.81
C ILE A 4 -5.67 1.05 -1.37
N CYS A 5 -4.69 0.78 -0.50
CA CYS A 5 -4.49 -0.49 0.16
C CYS A 5 -4.03 -0.23 1.60
N ALA A 6 -4.33 -1.13 2.52
CA ALA A 6 -4.01 -0.98 3.94
C ALA A 6 -2.50 -0.81 4.17
N TYR A 7 -1.69 -1.47 3.35
CA TYR A 7 -0.24 -1.42 3.49
C TYR A 7 0.28 -0.02 3.18
N ALA A 8 0.50 0.80 4.21
CA ALA A 8 1.23 2.06 4.09
C ALA A 8 2.60 1.85 3.42
N ALA A 9 3.25 0.72 3.70
CA ALA A 9 4.53 0.34 3.09
C ALA A 9 4.36 -0.15 1.64
N CYS A 10 3.11 -0.35 1.19
CA CYS A 10 2.75 -0.72 -0.17
C CYS A 10 3.35 -2.05 -0.61
N THR A 11 3.23 -3.05 0.27
CA THR A 11 3.77 -4.39 0.08
C THR A 11 3.03 -5.12 -1.04
N GLY A 12 3.32 -4.75 -2.30
CA GLY A 12 2.67 -5.32 -3.48
C GLY A 12 1.30 -4.69 -3.68
N CYS A 13 0.43 -4.77 -2.66
CA CYS A 13 -0.89 -4.16 -2.66
C CYS A 13 -0.76 -2.73 -2.15
N THR A 1 3.16 5.53 1.60
CA THR A 1 3.00 6.31 0.38
C THR A 1 2.27 5.54 -0.73
N CYS A 2 1.55 4.46 -0.40
CA CYS A 2 0.80 3.69 -1.38
C CYS A 2 -0.45 4.44 -1.84
N GLU A 3 -1.11 3.93 -2.88
CA GLU A 3 -2.53 4.15 -3.09
C GLU A 3 -3.32 3.66 -1.86
N ILE A 4 -4.63 3.88 -1.86
CA ILE A 4 -5.48 3.48 -0.74
C ILE A 4 -5.59 1.94 -0.74
N CYS A 5 -4.59 1.28 -0.16
CA CYS A 5 -4.59 -0.13 0.21
C CYS A 5 -4.13 -0.22 1.67
N ALA A 6 -4.55 -1.27 2.38
CA ALA A 6 -4.15 -1.52 3.77
C ALA A 6 -2.64 -1.37 3.95
N TYR A 7 -1.85 -1.92 3.02
CA TYR A 7 -0.42 -1.71 3.05
C TYR A 7 -0.14 -0.26 2.63
N ALA A 8 -0.07 0.64 3.61
CA ALA A 8 0.35 2.01 3.40
C ALA A 8 1.75 2.08 2.74
N ALA A 9 2.61 1.10 3.06
CA ALA A 9 3.92 0.93 2.46
C ALA A 9 3.88 0.25 1.08
N CYS A 10 2.70 -0.21 0.65
CA CYS A 10 2.40 -0.71 -0.69
C CYS A 10 2.93 -2.12 -0.94
N THR A 11 4.22 -2.35 -0.70
CA THR A 11 4.94 -3.58 -0.97
C THR A 11 4.11 -4.84 -0.67
N GLY A 12 3.58 -5.47 -1.71
CA GLY A 12 2.80 -6.70 -1.63
C GLY A 12 1.38 -6.52 -2.14
N CYS A 13 0.79 -5.32 -1.99
CA CYS A 13 -0.56 -5.02 -2.44
C CYS A 13 -0.54 -4.52 -3.88
N THR A 1 3.56 5.53 1.62
CA THR A 1 2.38 5.90 0.88
C THR A 1 2.20 4.86 -0.23
N CYS A 2 0.98 4.73 -0.76
CA CYS A 2 0.61 3.66 -1.68
C CYS A 2 -0.69 4.05 -2.37
N GLU A 3 -1.16 3.22 -3.31
CA GLU A 3 -2.55 3.20 -3.71
C GLU A 3 -3.45 2.88 -2.50
N ILE A 4 -4.77 2.89 -2.71
CA ILE A 4 -5.75 2.63 -1.66
C ILE A 4 -5.69 1.15 -1.26
N CYS A 5 -4.69 0.80 -0.44
CA CYS A 5 -4.53 -0.50 0.20
C CYS A 5 -4.06 -0.26 1.64
N ALA A 6 -4.36 -1.19 2.54
CA ALA A 6 -4.02 -1.08 3.95
C ALA A 6 -2.52 -0.88 4.17
N TYR A 7 -1.70 -1.53 3.33
CA TYR A 7 -0.26 -1.46 3.46
C TYR A 7 0.24 -0.06 3.11
N ALA A 8 0.42 0.80 4.11
CA ALA A 8 1.14 2.07 3.96
C ALA A 8 2.52 1.83 3.33
N ALA A 9 3.19 0.75 3.73
CA ALA A 9 4.48 0.32 3.17
C ALA A 9 4.38 -0.14 1.71
N CYS A 10 3.17 -0.36 1.21
CA CYS A 10 2.86 -0.69 -0.18
C CYS A 10 3.46 -2.04 -0.59
N THR A 11 3.28 -3.04 0.27
CA THR A 11 3.78 -4.39 0.09
C THR A 11 3.03 -5.10 -1.05
N GLY A 12 3.33 -4.72 -2.29
CA GLY A 12 2.66 -5.25 -3.47
C GLY A 12 1.29 -4.60 -3.66
N CYS A 13 0.42 -4.73 -2.65
CA CYS A 13 -0.89 -4.12 -2.65
C CYS A 13 -0.78 -2.69 -2.12
N THR A 1 1.08 7.74 1.34
CA THR A 1 2.03 6.66 1.60
C THR A 1 1.96 5.62 0.48
N CYS A 2 0.79 5.47 -0.13
CA CYS A 2 0.50 4.56 -1.22
C CYS A 2 -0.81 5.04 -1.85
N GLU A 3 -1.29 4.37 -2.91
CA GLU A 3 -2.67 4.44 -3.32
C GLU A 3 -3.57 3.75 -2.26
N ILE A 4 -4.80 3.40 -2.61
CA ILE A 4 -5.75 2.79 -1.68
C ILE A 4 -5.34 1.34 -1.38
N CYS A 5 -4.32 1.19 -0.53
CA CYS A 5 -3.75 -0.08 -0.10
C CYS A 5 -3.68 -0.09 1.42
N ALA A 6 -4.21 -1.16 2.05
CA ALA A 6 -4.01 -1.39 3.48
C ALA A 6 -2.52 -1.45 3.81
N TYR A 7 -1.74 -2.05 2.91
CA TYR A 7 -0.29 -2.04 2.99
C TYR A 7 0.22 -0.62 2.77
N ALA A 8 0.26 0.16 3.86
CA ALA A 8 0.78 1.53 3.88
C ALA A 8 2.18 1.60 3.25
N ALA A 9 3.01 0.59 3.50
CA ALA A 9 4.35 0.47 2.95
C ALA A 9 4.38 0.34 1.42
N CYS A 10 3.23 0.08 0.79
CA CYS A 10 3.06 0.08 -0.65
C CYS A 10 3.84 -1.04 -1.30
N THR A 11 3.65 -2.26 -0.79
CA THR A 11 4.24 -3.49 -1.29
C THR A 11 3.33 -4.61 -0.79
N GLY A 12 3.19 -5.69 -1.56
CA GLY A 12 2.32 -6.81 -1.23
C GLY A 12 0.84 -6.44 -1.25
N CYS A 13 0.48 -5.35 -1.94
CA CYS A 13 -0.89 -4.89 -2.07
C CYS A 13 -1.57 -5.54 -3.27
N THR A 1 2.95 5.32 2.86
CA THR A 1 2.15 6.13 1.95
C THR A 1 2.00 5.32 0.66
N CYS A 2 0.81 5.33 0.06
CA CYS A 2 0.47 4.49 -1.08
C CYS A 2 -0.85 4.98 -1.65
N GLU A 3 -1.36 4.33 -2.71
CA GLU A 3 -2.73 4.51 -3.17
C GLU A 3 -3.68 3.80 -2.19
N ILE A 4 -4.85 3.36 -2.66
CA ILE A 4 -5.84 2.69 -1.81
C ILE A 4 -5.36 1.27 -1.49
N CYS A 5 -4.39 1.16 -0.60
CA CYS A 5 -3.75 -0.07 -0.18
C CYS A 5 -3.65 -0.07 1.35
N ALA A 6 -4.19 -1.09 2.01
CA ALA A 6 -4.00 -1.29 3.44
C ALA A 6 -2.50 -1.37 3.77
N TYR A 7 -1.73 -1.99 2.87
CA TYR A 7 -0.29 -1.99 2.94
C TYR A 7 0.23 -0.57 2.69
N ALA A 8 0.27 0.25 3.73
CA ALA A 8 0.80 1.60 3.71
C ALA A 8 2.25 1.62 3.21
N ALA A 9 3.01 0.56 3.48
CA ALA A 9 4.37 0.36 2.98
C ALA A 9 4.42 0.28 1.45
N CYS A 10 3.28 0.03 0.80
CA CYS A 10 3.12 0.06 -0.65
C CYS A 10 3.90 -1.06 -1.31
N THR A 11 3.71 -2.27 -0.81
CA THR A 11 4.28 -3.52 -1.32
C THR A 11 3.36 -4.63 -0.80
N GLY A 12 3.19 -5.70 -1.57
CA GLY A 12 2.30 -6.80 -1.21
C GLY A 12 0.83 -6.39 -1.19
N CYS A 13 0.47 -5.32 -1.92
CA CYS A 13 -0.90 -4.84 -2.03
C CYS A 13 -1.61 -5.54 -3.18
N THR A 1 3.77 5.38 1.97
CA THR A 1 2.64 5.97 1.26
C THR A 1 2.32 5.03 0.09
N CYS A 2 1.09 5.09 -0.42
CA CYS A 2 0.59 4.17 -1.43
C CYS A 2 -0.72 4.75 -1.96
N GLU A 3 -1.30 4.13 -3.00
CA GLU A 3 -2.71 4.31 -3.33
C GLU A 3 -3.59 3.69 -2.23
N ILE A 4 -4.88 3.51 -2.49
CA ILE A 4 -5.84 3.00 -1.51
C ILE A 4 -5.57 1.52 -1.25
N CYS A 5 -4.56 1.24 -0.43
CA CYS A 5 -4.14 -0.09 0.00
C CYS A 5 -4.04 -0.11 1.52
N ALA A 6 -4.32 -1.24 2.15
CA ALA A 6 -4.06 -1.44 3.57
C ALA A 6 -2.56 -1.33 3.85
N TYR A 7 -1.74 -1.83 2.92
CA TYR A 7 -0.29 -1.73 3.01
C TYR A 7 0.14 -0.27 2.93
N ALA A 8 0.37 0.38 4.07
CA ALA A 8 1.03 1.68 4.11
C ALA A 8 2.37 1.62 3.34
N ALA A 9 3.10 0.50 3.48
CA ALA A 9 4.35 0.26 2.77
C ALA A 9 4.15 -0.06 1.29
N CYS A 10 2.91 -0.20 0.83
CA CYS A 10 2.47 -0.42 -0.55
C CYS A 10 2.84 -1.82 -1.07
N THR A 11 4.12 -2.12 -1.04
CA THR A 11 4.73 -3.43 -1.19
C THR A 11 3.82 -4.53 -0.63
N GLY A 12 3.31 -5.40 -1.50
CA GLY A 12 2.43 -6.51 -1.13
C GLY A 12 0.97 -6.26 -1.53
N CYS A 13 0.62 -5.05 -1.96
CA CYS A 13 -0.73 -4.72 -2.39
C CYS A 13 -0.93 -5.08 -3.86
N THR A 1 2.83 7.07 1.06
CA THR A 1 2.05 7.78 0.06
C THR A 1 1.67 6.84 -1.08
N CYS A 2 0.95 5.78 -0.75
CA CYS A 2 0.52 4.74 -1.67
C CYS A 2 -0.85 5.09 -2.27
N GLU A 3 -1.35 4.27 -3.18
CA GLU A 3 -2.78 4.21 -3.50
C GLU A 3 -3.55 3.70 -2.28
N ILE A 4 -4.85 3.43 -2.44
CA ILE A 4 -5.73 2.94 -1.37
C ILE A 4 -5.39 1.48 -1.02
N CYS A 5 -4.22 1.28 -0.40
CA CYS A 5 -3.67 -0.01 -0.02
C CYS A 5 -3.64 -0.08 1.50
N ALA A 6 -4.22 -1.14 2.08
CA ALA A 6 -4.06 -1.43 3.50
C ALA A 6 -2.57 -1.54 3.85
N TYR A 7 -1.80 -2.14 2.95
CA TYR A 7 -0.35 -2.12 3.02
C TYR A 7 0.16 -0.69 2.81
N ALA A 8 0.21 0.07 3.90
CA ALA A 8 0.75 1.43 3.91
C ALA A 8 2.16 1.48 3.32
N ALA A 9 2.95 0.43 3.54
CA ALA A 9 4.29 0.26 2.97
C ALA A 9 4.28 0.08 1.45
N CYS A 10 3.12 0.07 0.80
CA CYS A 10 2.93 0.05 -0.64
C CYS A 10 3.66 -1.14 -1.29
N THR A 11 3.65 -2.26 -0.57
CA THR A 11 4.37 -3.47 -0.92
C THR A 11 3.42 -4.63 -0.63
N GLY A 12 3.31 -5.60 -1.55
CA GLY A 12 2.42 -6.74 -1.38
C GLY A 12 0.94 -6.32 -1.34
N CYS A 13 0.60 -5.22 -2.01
CA CYS A 13 -0.78 -4.75 -2.11
C CYS A 13 -1.48 -5.37 -3.31
N THR A 1 2.78 7.70 -0.04
CA THR A 1 3.28 6.41 0.41
C THR A 1 2.81 5.31 -0.54
N CYS A 2 1.52 5.32 -0.88
CA CYS A 2 0.87 4.34 -1.74
C CYS A 2 -0.52 4.87 -2.08
N GLU A 3 -1.23 4.22 -2.99
CA GLU A 3 -2.67 4.36 -3.14
C GLU A 3 -3.36 3.85 -1.86
N ILE A 4 -4.69 3.83 -1.85
CA ILE A 4 -5.47 3.37 -0.71
C ILE A 4 -5.40 1.83 -0.63
N CYS A 5 -4.23 1.33 -0.22
CA CYS A 5 -3.95 -0.07 0.02
C CYS A 5 -3.91 -0.31 1.53
N ALA A 6 -4.27 -1.52 1.97
CA ALA A 6 -4.06 -1.94 3.35
C ALA A 6 -2.57 -1.83 3.70
N TYR A 7 -1.72 -2.31 2.80
CA TYR A 7 -0.30 -2.08 2.89
C TYR A 7 -0.03 -0.60 2.62
N ALA A 8 0.01 0.21 3.67
CA ALA A 8 0.38 1.63 3.57
C ALA A 8 1.71 1.80 2.83
N ALA A 9 2.66 0.88 3.06
CA ALA A 9 3.96 0.87 2.42
C ALA A 9 3.93 0.29 1.00
N CYS A 10 2.75 -0.03 0.47
CA CYS A 10 2.50 -0.49 -0.89
C CYS A 10 2.96 -1.92 -1.15
N THR A 11 4.23 -2.23 -0.84
CA THR A 11 4.80 -3.57 -0.92
C THR A 11 3.85 -4.60 -0.29
N GLY A 12 3.27 -5.48 -1.11
CA GLY A 12 2.33 -6.51 -0.67
C GLY A 12 0.94 -6.30 -1.25
N CYS A 13 0.62 -5.09 -1.75
CA CYS A 13 -0.70 -4.76 -2.27
C CYS A 13 -0.82 -5.18 -3.74
N THR A 1 1.47 3.57 -7.11
CA THR A 1 2.30 2.40 -6.88
C THR A 1 1.98 1.87 -5.47
N CYS A 2 2.10 2.77 -4.50
CA CYS A 2 1.54 2.60 -3.17
C CYS A 2 0.03 2.73 -3.31
N GLU A 3 -0.69 1.63 -3.56
CA GLU A 3 -2.13 1.69 -3.69
C GLU A 3 -2.76 2.01 -2.33
N ILE A 4 -3.92 2.69 -2.34
CA ILE A 4 -4.65 3.08 -1.15
C ILE A 4 -5.31 1.85 -0.52
N CYS A 5 -4.48 0.97 0.05
CA CYS A 5 -4.87 -0.34 0.55
C CYS A 5 -4.34 -0.53 1.97
N ALA A 6 -4.55 -1.72 2.53
CA ALA A 6 -4.09 -2.11 3.85
C ALA A 6 -2.59 -1.89 4.04
N TYR A 7 -1.76 -2.32 3.08
CA TYR A 7 -0.32 -2.24 3.26
C TYR A 7 0.19 -0.82 3.03
N ALA A 8 -0.02 0.02 4.04
CA ALA A 8 0.50 1.38 4.14
C ALA A 8 2.01 1.43 3.93
N ALA A 9 2.71 0.33 4.22
CA ALA A 9 4.13 0.16 3.93
C ALA A 9 4.43 0.10 2.43
N CYS A 10 3.45 0.32 1.54
CA CYS A 10 3.61 0.41 0.10
C CYS A 10 3.98 -0.93 -0.50
N THR A 11 3.50 -2.02 0.10
CA THR A 11 3.71 -3.37 -0.41
C THR A 11 2.73 -3.63 -1.55
N GLY A 12 2.78 -2.78 -2.58
CA GLY A 12 1.82 -2.72 -3.67
C GLY A 12 0.44 -2.30 -3.15
N CYS A 13 -0.28 -3.25 -2.53
CA CYS A 13 -1.63 -3.07 -2.03
C CYS A 13 -1.87 -3.97 -0.81
N THR A 1 3.10 7.42 -2.76
CA THR A 1 1.81 7.58 -3.42
C THR A 1 1.25 6.21 -3.82
N CYS A 2 0.98 5.36 -2.83
CA CYS A 2 0.35 4.07 -3.03
C CYS A 2 -1.08 4.23 -3.51
N GLU A 3 -1.64 3.21 -4.16
CA GLU A 3 -3.08 3.07 -4.29
C GLU A 3 -3.69 2.82 -2.89
N ILE A 4 -5.02 2.84 -2.79
CA ILE A 4 -5.71 2.73 -1.52
C ILE A 4 -5.70 1.28 -1.04
N CYS A 5 -4.53 0.80 -0.58
CA CYS A 5 -4.35 -0.51 0.01
C CYS A 5 -3.70 -0.33 1.39
N ALA A 6 -4.35 -0.82 2.44
CA ALA A 6 -3.94 -0.58 3.83
C ALA A 6 -2.72 -1.42 4.21
N TYR A 7 -1.56 -1.07 3.64
CA TYR A 7 -0.26 -1.62 4.03
C TYR A 7 0.58 -0.54 4.70
N ALA A 8 1.66 -0.96 5.38
CA ALA A 8 2.61 -0.06 5.99
C ALA A 8 3.34 0.77 4.93
N ALA A 9 3.86 0.12 3.89
CA ALA A 9 4.63 0.78 2.84
C ALA A 9 4.25 0.14 1.50
N CYS A 10 3.00 0.39 1.07
CA CYS A 10 2.43 -0.09 -0.19
C CYS A 10 2.71 -1.57 -0.45
N THR A 11 2.75 -2.36 0.63
CA THR A 11 3.48 -3.61 0.71
C THR A 11 2.69 -4.76 0.08
N GLY A 12 2.50 -4.69 -1.24
CA GLY A 12 1.89 -5.72 -2.05
C GLY A 12 0.60 -5.21 -2.71
N CYS A 13 0.68 -4.07 -3.40
CA CYS A 13 -0.41 -3.57 -4.22
C CYS A 13 0.18 -2.83 -5.42
N THR A 1 4.13 -0.16 -5.03
CA THR A 1 2.68 -0.30 -5.22
C THR A 1 1.95 0.44 -4.09
N CYS A 2 2.14 1.76 -4.03
CA CYS A 2 1.62 2.64 -2.98
C CYS A 2 0.13 2.90 -3.21
N GLU A 3 -0.68 1.85 -3.30
CA GLU A 3 -2.10 1.98 -3.49
C GLU A 3 -2.77 2.32 -2.16
N ILE A 4 -3.95 2.96 -2.21
CA ILE A 4 -4.71 3.30 -1.02
C ILE A 4 -5.37 2.02 -0.50
N CYS A 5 -4.58 1.18 0.18
CA CYS A 5 -4.99 -0.09 0.73
C CYS A 5 -4.47 -0.23 2.16
N ALA A 6 -4.80 -1.35 2.82
CA ALA A 6 -4.27 -1.69 4.14
C ALA A 6 -2.74 -1.85 4.13
N TYR A 7 -2.15 -2.08 2.95
CA TYR A 7 -0.71 -2.17 2.78
C TYR A 7 -0.03 -0.82 3.03
N ALA A 8 0.11 -0.47 4.30
CA ALA A 8 0.70 0.78 4.76
C ALA A 8 2.10 1.01 4.18
N ALA A 9 2.89 -0.06 4.03
CA ALA A 9 4.29 0.02 3.62
C ALA A 9 4.48 0.32 2.13
N CYS A 10 3.62 1.17 1.54
CA CYS A 10 3.74 1.73 0.20
C CYS A 10 4.03 0.68 -0.88
N THR A 11 3.55 -0.55 -0.70
CA THR A 11 3.75 -1.67 -1.61
C THR A 11 2.97 -2.87 -1.11
N GLY A 12 2.53 -3.73 -2.03
CA GLY A 12 1.99 -5.04 -1.74
C GLY A 12 0.53 -5.20 -2.15
N CYS A 13 -0.17 -4.10 -2.44
CA CYS A 13 -1.57 -4.16 -2.85
C CYS A 13 -1.68 -4.34 -4.36
N THR A 1 4.62 2.76 -4.20
CA THR A 1 3.35 2.17 -4.62
C THR A 1 2.35 2.11 -3.47
N CYS A 2 2.04 3.25 -2.86
CA CYS A 2 1.01 3.37 -1.84
C CYS A 2 -0.35 3.32 -2.54
N GLU A 3 -0.72 2.13 -3.00
CA GLU A 3 -2.05 1.89 -3.54
C GLU A 3 -3.11 2.21 -2.48
N ILE A 4 -4.34 2.45 -2.91
CA ILE A 4 -5.44 2.76 -2.01
C ILE A 4 -5.87 1.47 -1.30
N CYS A 5 -5.02 1.00 -0.39
CA CYS A 5 -5.16 -0.26 0.34
C CYS A 5 -4.52 -0.06 1.71
N ALA A 6 -4.85 -0.90 2.69
CA ALA A 6 -4.32 -0.80 4.04
C ALA A 6 -2.89 -1.37 4.11
N TYR A 7 -1.97 -0.78 3.33
CA TYR A 7 -0.58 -1.20 3.24
C TYR A 7 0.36 -0.06 3.62
N ALA A 8 0.71 0.01 4.91
CA ALA A 8 1.77 0.87 5.40
C ALA A 8 3.07 0.64 4.62
N ALA A 9 3.28 -0.60 4.15
CA ALA A 9 4.41 -0.99 3.32
C ALA A 9 4.51 -0.19 2.01
N CYS A 10 3.44 0.49 1.57
CA CYS A 10 3.45 1.33 0.38
C CYS A 10 3.82 0.50 -0.86
N THR A 11 3.42 -0.78 -0.88
CA THR A 11 3.82 -1.81 -1.83
C THR A 11 2.95 -3.03 -1.51
N GLY A 12 2.74 -3.92 -2.49
CA GLY A 12 2.28 -5.28 -2.24
C GLY A 12 0.77 -5.44 -2.19
N CYS A 13 -0.01 -4.44 -2.62
CA CYS A 13 -1.44 -4.58 -2.80
C CYS A 13 -1.76 -5.05 -4.22
N THR A 1 0.28 0.36 -7.95
CA THR A 1 1.12 1.42 -7.42
C THR A 1 0.99 1.37 -5.88
N CYS A 2 1.21 2.49 -5.20
CA CYS A 2 1.08 2.60 -3.75
C CYS A 2 -0.27 3.21 -3.42
N GLU A 3 -1.33 2.39 -3.44
CA GLU A 3 -2.68 2.86 -3.21
C GLU A 3 -2.91 3.12 -1.71
N ILE A 4 -3.95 3.91 -1.40
CA ILE A 4 -4.48 4.04 -0.05
C ILE A 4 -5.13 2.70 0.30
N CYS A 5 -4.32 1.75 0.79
CA CYS A 5 -4.66 0.33 0.79
C CYS A 5 -3.99 -0.36 1.98
N ALA A 6 -4.50 -1.55 2.34
CA ALA A 6 -4.08 -2.37 3.47
C ALA A 6 -2.56 -2.37 3.68
N TYR A 7 -1.79 -2.58 2.60
CA TYR A 7 -0.34 -2.40 2.68
C TYR A 7 -0.02 -0.91 2.75
N ALA A 8 -0.19 -0.35 3.94
CA ALA A 8 0.02 1.06 4.23
C ALA A 8 1.39 1.51 3.71
N ALA A 9 2.42 0.68 3.91
CA ALA A 9 3.76 0.94 3.43
C ALA A 9 3.97 0.52 1.97
N CYS A 10 2.91 0.56 1.14
CA CYS A 10 2.93 0.29 -0.30
C CYS A 10 3.10 -1.20 -0.62
N THR A 11 4.25 -1.75 -0.23
CA THR A 11 4.80 -3.02 -0.62
C THR A 11 3.82 -4.18 -0.43
N GLY A 12 3.02 -4.46 -1.45
CA GLY A 12 2.09 -5.58 -1.47
C GLY A 12 0.81 -5.21 -2.22
N CYS A 13 0.39 -3.94 -2.15
CA CYS A 13 -0.83 -3.52 -2.84
C CYS A 13 -0.52 -3.06 -4.27
N THR A 1 1.36 5.24 1.61
CA THR A 1 2.32 5.94 0.75
C THR A 1 2.25 5.29 -0.64
N CYS A 2 1.05 5.25 -1.22
CA CYS A 2 0.68 4.34 -2.28
C CYS A 2 -0.68 4.77 -2.82
N GLU A 3 -1.41 3.87 -3.48
CA GLU A 3 -2.86 3.97 -3.57
C GLU A 3 -3.46 3.77 -2.15
N ILE A 4 -4.79 3.64 -2.06
CA ILE A 4 -5.47 3.32 -0.80
C ILE A 4 -5.22 1.85 -0.43
N CYS A 5 -3.97 1.53 -0.12
CA CYS A 5 -3.51 0.17 0.14
C CYS A 5 -3.54 -0.10 1.63
N ALA A 6 -4.20 -1.19 2.04
CA ALA A 6 -4.11 -1.70 3.40
C ALA A 6 -2.63 -1.90 3.78
N TYR A 7 -1.84 -2.43 2.84
CA TYR A 7 -0.39 -2.43 2.94
C TYR A 7 0.12 -1.01 2.75
N ALA A 8 0.00 -0.21 3.81
CA ALA A 8 0.27 1.21 3.82
C ALA A 8 1.64 1.55 3.23
N ALA A 9 2.63 0.69 3.52
CA ALA A 9 4.02 0.85 3.10
C ALA A 9 4.23 0.62 1.59
N CYS A 10 3.19 0.24 0.84
CA CYS A 10 3.22 0.12 -0.61
C CYS A 10 4.07 -1.07 -1.06
N THR A 11 3.77 -2.25 -0.55
CA THR A 11 4.41 -3.50 -0.91
C THR A 11 3.40 -4.61 -0.64
N GLY A 12 3.28 -5.58 -1.56
CA GLY A 12 2.33 -6.67 -1.42
C GLY A 12 0.88 -6.20 -1.38
N CYS A 13 0.58 -5.07 -2.04
CA CYS A 13 -0.77 -4.51 -2.11
C CYS A 13 -1.53 -5.12 -3.28
N THR A 1 2.40 1.25 -8.13
CA THR A 1 1.05 1.75 -7.98
C THR A 1 0.63 1.64 -6.51
N CYS A 2 1.27 2.42 -5.65
CA CYS A 2 1.12 2.34 -4.20
C CYS A 2 -0.25 2.86 -3.78
N GLU A 3 -1.27 2.03 -3.90
CA GLU A 3 -2.61 2.34 -3.43
C GLU A 3 -2.59 2.63 -1.92
N ILE A 4 -3.45 3.52 -1.45
CA ILE A 4 -3.69 3.74 -0.03
C ILE A 4 -4.46 2.53 0.49
N CYS A 5 -3.73 1.43 0.69
CA CYS A 5 -4.28 0.10 0.88
C CYS A 5 -4.00 -0.41 2.29
N ALA A 6 -4.56 -1.56 2.66
CA ALA A 6 -4.24 -2.29 3.87
C ALA A 6 -2.72 -2.37 4.09
N TYR A 7 -1.97 -2.70 3.03
CA TYR A 7 -0.52 -2.58 3.06
C TYR A 7 -0.13 -1.11 2.98
N ALA A 8 -0.30 -0.42 4.10
CA ALA A 8 -0.17 1.03 4.22
C ALA A 8 1.15 1.51 3.62
N ALA A 9 2.26 0.86 4.01
CA ALA A 9 3.57 1.16 3.48
C ALA A 9 3.77 0.54 2.09
N CYS A 10 2.82 0.77 1.17
CA CYS A 10 2.79 0.33 -0.22
C CYS A 10 2.84 -1.19 -0.41
N THR A 11 3.98 -1.79 -0.06
CA THR A 11 4.36 -3.21 -0.13
C THR A 11 3.26 -4.14 -0.66
N GLY A 12 3.13 -4.23 -1.99
CA GLY A 12 2.30 -5.23 -2.65
C GLY A 12 0.92 -4.71 -3.07
N CYS A 13 0.48 -3.55 -2.56
CA CYS A 13 -0.84 -3.00 -2.89
C CYS A 13 -0.79 -1.48 -2.81
N THR A 1 0.84 2.74 -8.18
CA THR A 1 1.09 1.43 -7.62
C THR A 1 0.77 1.44 -6.12
N CYS A 2 1.34 2.40 -5.41
CA CYS A 2 1.17 2.59 -3.98
C CYS A 2 -0.23 3.13 -3.68
N GLU A 3 -1.26 2.34 -3.93
CA GLU A 3 -2.62 2.67 -3.54
C GLU A 3 -2.70 2.82 -2.01
N ILE A 4 -3.69 3.59 -1.53
CA ILE A 4 -3.97 3.71 -0.11
C ILE A 4 -4.66 2.41 0.33
N CYS A 5 -3.88 1.33 0.37
CA CYS A 5 -4.34 -0.02 0.67
C CYS A 5 -3.99 -0.38 2.12
N ALA A 6 -4.67 -1.39 2.68
CA ALA A 6 -4.38 -1.93 4.00
C ALA A 6 -2.88 -2.18 4.20
N TYR A 7 -2.19 -2.69 3.18
CA TYR A 7 -0.76 -2.97 3.28
C TYR A 7 0.04 -1.67 3.09
N ALA A 8 -0.10 -0.80 4.09
CA ALA A 8 0.05 0.65 4.03
C ALA A 8 1.32 1.13 3.35
N ALA A 9 2.48 0.59 3.72
CA ALA A 9 3.76 1.09 3.25
C ALA A 9 4.05 0.59 1.82
N CYS A 10 3.18 0.95 0.88
CA CYS A 10 3.21 0.53 -0.53
C CYS A 10 3.50 -0.97 -0.66
N THR A 11 3.02 -1.77 0.28
CA THR A 11 3.59 -3.11 0.46
C THR A 11 2.90 -4.07 -0.49
N GLY A 12 3.28 -3.99 -1.77
CA GLY A 12 2.70 -4.78 -2.84
C GLY A 12 1.37 -4.17 -3.27
N CYS A 13 0.42 -4.07 -2.33
CA CYS A 13 -0.88 -3.45 -2.54
C CYS A 13 -0.80 -1.95 -2.25
#